data_6JH7
#
_entry.id   6JH7
#
_cell.length_a   101.581
_cell.length_b   101.581
_cell.length_c   116.094
_cell.angle_alpha   90.00
_cell.angle_beta   90.00
_cell.angle_gamma   90.00
#
_symmetry.space_group_name_H-M   'P 43 2 2'
#
loop_
_entity.id
_entity.type
_entity.pdbx_description
1 polymer 'Short chain dehydrogenase family protein'
2 non-polymer 'TRIETHYLENE GLYCOL'
3 non-polymer 'ACETATE ION'
4 non-polymer DI(HYDROXYETHYL)ETHER
5 water water
#
_entity_poly.entity_id   1
_entity_poly.type   'polypeptide(L)'
_entity_poly.pdbx_seq_one_letter_code
;MDLGLKDKVALITGSSAGIGFTIAEKLAEEGCHLIICGRNSQRLEQAYQSLAQAYPAQQILRLVADVHQAQDSEQLIQDS
LNQYGKIDILVNNSEGANFAENLIENLSDEDWLNVFQGKLIGYIRLTNLVLPIMKKQHWGRIVNIIGTSGKEPSPRLVKS
GVVNAALMNFTKSVARQTAPYNVLINSVNPGVIDTPRHREYLEIYAKKEGTTPDLIRERILKTIPMNRIGTTEEFANLVV
FLASECASYITGITIPLDGGLSSSAFLEHHHHHH
;
_entity_poly.pdbx_strand_id   A,B
#
# COMPACT_ATOMS: atom_id res chain seq x y z
N MET A 1 11.52 -3.49 -10.17
CA MET A 1 10.35 -2.68 -10.65
C MET A 1 10.81 -1.25 -10.93
N ASP A 2 10.54 -0.78 -12.14
CA ASP A 2 10.87 0.59 -12.53
C ASP A 2 9.81 1.53 -11.98
N LEU A 3 10.20 2.35 -11.00
CA LEU A 3 9.27 3.26 -10.32
C LEU A 3 9.06 4.59 -11.05
N GLY A 4 9.80 4.83 -12.13
CA GLY A 4 9.58 6.03 -12.94
C GLY A 4 9.94 7.33 -12.25
N LEU A 5 10.93 7.27 -11.37
CA LEU A 5 11.28 8.42 -10.53
C LEU A 5 12.52 9.20 -10.97
N LYS A 6 13.14 8.83 -12.09
CA LYS A 6 14.35 9.53 -12.53
CA LYS A 6 14.35 9.53 -12.50
C LYS A 6 14.08 11.02 -12.69
N ASP A 7 14.90 11.84 -12.04
CA ASP A 7 14.86 13.30 -12.14
C ASP A 7 13.63 13.94 -11.50
N LYS A 8 12.83 13.14 -10.77
CA LYS A 8 11.75 13.71 -9.96
CA LYS A 8 11.76 13.72 -9.98
C LYS A 8 12.38 14.42 -8.77
N VAL A 9 11.77 15.52 -8.35
CA VAL A 9 12.26 16.32 -7.23
C VAL A 9 11.41 16.05 -6.00
N ALA A 10 12.06 15.57 -4.94
CA ALA A 10 11.37 15.18 -3.71
C ALA A 10 11.82 16.01 -2.53
N LEU A 11 10.84 16.59 -1.83
CA LEU A 11 11.06 17.27 -0.57
C LEU A 11 10.64 16.34 0.56
N ILE A 12 11.58 16.02 1.45
CA ILE A 12 11.31 15.15 2.58
C ILE A 12 11.57 15.97 3.84
N THR A 13 10.52 16.18 4.64
CA THR A 13 10.72 16.88 5.90
C THR A 13 11.19 15.88 6.96
N GLY A 14 11.85 16.39 7.99
CA GLY A 14 12.37 15.55 9.06
C GLY A 14 13.37 14.52 8.55
N SER A 15 14.22 14.91 7.60
CA SER A 15 15.09 13.97 6.91
C SER A 15 16.54 13.94 7.41
N SER A 16 16.82 14.54 8.56
CA SER A 16 18.17 14.51 9.11
CA SER A 16 18.15 14.53 9.15
C SER A 16 18.49 13.17 9.75
N ALA A 17 17.46 12.40 10.11
CA ALA A 17 17.66 11.11 10.77
C ALA A 17 16.41 10.23 10.66
N GLY A 18 16.54 8.99 11.12
CA GLY A 18 15.40 8.09 11.25
C GLY A 18 14.67 7.81 9.95
N ILE A 19 13.35 7.76 10.05
CA ILE A 19 12.48 7.44 8.92
C ILE A 19 12.71 8.39 7.74
N GLY A 20 12.75 9.69 8.02
CA GLY A 20 12.90 10.68 6.96
C GLY A 20 14.21 10.52 6.21
N PHE A 21 15.29 10.27 6.94
CA PHE A 21 16.58 10.06 6.30
C PHE A 21 16.55 8.87 5.36
N THR A 22 16.01 7.75 5.81
CA THR A 22 15.98 6.54 4.99
C THR A 22 15.09 6.72 3.76
N ILE A 23 13.98 7.44 3.92
CA ILE A 23 13.13 7.77 2.78
C ILE A 23 13.93 8.58 1.75
N ALA A 24 14.70 9.57 2.21
CA ALA A 24 15.52 10.38 1.30
C ALA A 24 16.54 9.50 0.57
N GLU A 25 17.20 8.59 1.31
CA GLU A 25 18.16 7.67 0.70
C GLU A 25 17.52 6.85 -0.41
N LYS A 26 16.36 6.26 -0.11
CA LYS A 26 15.69 5.38 -1.06
CA LYS A 26 15.72 5.37 -1.08
C LYS A 26 15.18 6.15 -2.27
N LEU A 27 14.71 7.38 -2.07
CA LEU A 27 14.29 8.20 -3.21
C LEU A 27 15.48 8.53 -4.10
N ALA A 28 16.62 8.88 -3.51
CA ALA A 28 17.84 9.11 -4.27
C ALA A 28 18.25 7.85 -5.05
N GLU A 29 18.13 6.68 -4.41
CA GLU A 29 18.47 5.43 -5.08
CA GLU A 29 18.46 5.41 -5.07
C GLU A 29 17.65 5.21 -6.35
N GLU A 30 16.38 5.65 -6.32
CA GLU A 30 15.49 5.52 -7.48
C GLU A 30 15.66 6.64 -8.50
N GLY A 31 16.56 7.58 -8.23
CA GLY A 31 16.92 8.60 -9.21
C GLY A 31 16.34 9.97 -8.94
N CYS A 32 15.75 10.19 -7.77
CA CYS A 32 15.24 11.51 -7.44
C CYS A 32 16.35 12.49 -7.10
N HIS A 33 16.09 13.76 -7.37
CA HIS A 33 16.82 14.83 -6.75
C HIS A 33 16.08 15.22 -5.48
N LEU A 34 16.83 15.69 -4.49
CA LEU A 34 16.29 15.84 -3.15
C LEU A 34 16.31 17.26 -2.63
N ILE A 35 15.35 17.54 -1.77
CA ILE A 35 15.41 18.61 -0.82
C ILE A 35 15.24 17.96 0.55
N ILE A 36 16.25 18.11 1.40
CA ILE A 36 16.18 17.58 2.76
C ILE A 36 16.18 18.77 3.71
N CYS A 37 15.54 18.63 4.85
CA CYS A 37 15.43 19.74 5.76
C CYS A 37 15.22 19.28 7.18
N GLY A 38 15.42 20.21 8.10
CA GLY A 38 15.29 19.96 9.53
C GLY A 38 15.77 21.18 10.28
N ARG A 39 15.52 21.22 11.59
CA ARG A 39 15.92 22.36 12.43
C ARG A 39 17.35 22.26 12.89
N ASN A 40 17.87 21.04 12.98
CA ASN A 40 19.19 20.79 13.55
C ASN A 40 20.24 20.84 12.45
N SER A 41 20.92 21.97 12.34
CA SER A 41 21.89 22.18 11.26
C SER A 41 23.01 21.15 11.27
N GLN A 42 23.52 20.81 12.47
CA GLN A 42 24.60 19.83 12.60
C GLN A 42 24.18 18.46 12.08
N ARG A 43 23.02 17.99 12.54
CA ARG A 43 22.50 16.67 12.14
CA ARG A 43 22.51 16.67 12.14
C ARG A 43 22.16 16.66 10.64
N LEU A 44 21.60 17.76 10.16
CA LEU A 44 21.25 17.87 8.74
C LEU A 44 22.49 17.83 7.85
N GLU A 45 23.59 18.46 8.27
CA GLU A 45 24.85 18.42 7.51
C GLU A 45 25.40 16.99 7.44
N GLN A 46 25.29 16.24 8.53
CA GLN A 46 25.73 14.84 8.54
C GLN A 46 24.91 14.03 7.53
N ALA A 47 23.59 14.21 7.54
CA ALA A 47 22.70 13.55 6.57
C ALA A 47 23.07 13.94 5.14
N TYR A 48 23.26 15.24 4.94
CA TYR A 48 23.60 15.79 3.62
C TYR A 48 24.90 15.18 3.08
N GLN A 49 25.94 15.14 3.92
CA GLN A 49 27.21 14.56 3.50
C GLN A 49 27.07 13.07 3.17
N SER A 50 26.29 12.35 3.98
CA SER A 50 26.08 10.92 3.77
C SER A 50 25.39 10.66 2.43
N LEU A 51 24.34 11.42 2.16
CA LEU A 51 23.59 11.27 0.91
C LEU A 51 24.41 11.67 -0.31
N ALA A 52 25.14 12.77 -0.21
CA ALA A 52 25.96 13.25 -1.32
C ALA A 52 27.05 12.24 -1.68
N GLN A 53 27.64 11.62 -0.66
CA GLN A 53 28.68 10.61 -0.89
CA GLN A 53 28.69 10.60 -0.87
C GLN A 53 28.12 9.30 -1.44
N ALA A 54 26.94 8.91 -0.97
CA ALA A 54 26.31 7.66 -1.42
C ALA A 54 25.72 7.79 -2.83
N TYR A 55 25.28 9.00 -3.18
CA TYR A 55 24.59 9.25 -4.44
C TYR A 55 25.18 10.48 -5.12
N PRO A 56 26.45 10.38 -5.56
CA PRO A 56 27.15 11.53 -6.14
C PRO A 56 26.54 12.07 -7.43
N ALA A 57 25.80 11.25 -8.16
CA ALA A 57 25.15 11.68 -9.40
C ALA A 57 23.86 12.47 -9.18
N GLN A 58 23.31 12.43 -7.96
CA GLN A 58 22.04 13.09 -7.66
CA GLN A 58 22.05 13.10 -7.68
C GLN A 58 22.27 14.46 -7.04
N GLN A 59 21.38 15.40 -7.34
CA GLN A 59 21.34 16.72 -6.73
C GLN A 59 20.64 16.66 -5.38
N ILE A 60 21.22 17.35 -4.41
CA ILE A 60 20.69 17.40 -3.06
C ILE A 60 20.80 18.83 -2.54
N LEU A 61 19.65 19.39 -2.18
CA LEU A 61 19.54 20.68 -1.55
C LEU A 61 19.19 20.45 -0.09
N ARG A 62 19.99 21.02 0.81
CA ARG A 62 19.64 20.94 2.24
CA ARG A 62 19.67 20.95 2.24
C ARG A 62 19.28 22.34 2.74
N LEU A 63 18.18 22.40 3.50
CA LEU A 63 17.68 23.67 4.02
C LEU A 63 17.32 23.52 5.49
N VAL A 64 17.86 24.40 6.32
CA VAL A 64 17.50 24.44 7.73
C VAL A 64 16.17 25.17 7.83
N ALA A 65 15.18 24.54 8.44
CA ALA A 65 13.84 25.09 8.52
C ALA A 65 13.05 24.38 9.60
N ASP A 66 12.18 25.14 10.27
CA ASP A 66 11.22 24.59 11.20
C ASP A 66 9.88 24.52 10.47
N VAL A 67 9.48 23.32 10.08
CA VAL A 67 8.26 23.13 9.29
C VAL A 67 6.98 23.18 10.12
N HIS A 68 7.09 23.55 11.40
CA HIS A 68 5.92 23.96 12.19
C HIS A 68 5.78 25.48 12.26
N GLN A 69 6.67 26.21 11.59
CA GLN A 69 6.61 27.67 11.53
CA GLN A 69 6.59 27.67 11.53
C GLN A 69 6.20 28.11 10.12
N ALA A 70 5.23 29.03 10.04
CA ALA A 70 4.70 29.48 8.74
C ALA A 70 5.77 30.10 7.82
N GLN A 71 6.55 31.04 8.34
CA GLN A 71 7.55 31.72 7.52
C GLN A 71 8.60 30.75 6.98
N ASP A 72 9.15 29.89 7.85
CA ASP A 72 10.13 28.88 7.43
C ASP A 72 9.54 27.95 6.36
N SER A 73 8.29 27.58 6.52
CA SER A 73 7.64 26.67 5.58
C SER A 73 7.45 27.32 4.22
N GLU A 74 7.02 28.58 4.22
CA GLU A 74 6.85 29.33 2.98
C GLU A 74 8.18 29.47 2.25
N GLN A 75 9.23 29.83 3.00
CA GLN A 75 10.55 30.01 2.40
C GLN A 75 11.15 28.69 1.92
N LEU A 76 10.87 27.61 2.64
CA LEU A 76 11.31 26.27 2.23
C LEU A 76 10.81 25.96 0.81
N ILE A 77 9.51 26.20 0.58
CA ILE A 77 8.93 25.89 -0.73
C ILE A 77 9.48 26.84 -1.80
N GLN A 78 9.60 28.13 -1.46
CA GLN A 78 10.16 29.09 -2.41
C GLN A 78 11.60 28.74 -2.80
N ASP A 79 12.43 28.40 -1.80
CA ASP A 79 13.82 28.04 -2.08
C ASP A 79 13.92 26.75 -2.91
N SER A 80 13.04 25.80 -2.63
CA SER A 80 13.00 24.55 -3.38
C SER A 80 12.66 24.81 -4.85
N LEU A 81 11.62 25.61 -5.07
CA LEU A 81 11.18 25.91 -6.43
C LEU A 81 12.24 26.73 -7.15
N ASN A 82 12.90 27.66 -6.44
CA ASN A 82 14.00 28.43 -7.04
C ASN A 82 15.14 27.53 -7.53
N GLN A 83 15.47 26.50 -6.76
CA GLN A 83 16.57 25.61 -7.12
C GLN A 83 16.23 24.68 -8.29
N TYR A 84 15.03 24.10 -8.26
CA TYR A 84 14.69 22.99 -9.14
C TYR A 84 13.64 23.29 -10.21
N GLY A 85 12.84 24.33 -10.00
CA GLY A 85 11.79 24.69 -10.95
C GLY A 85 10.56 23.79 -10.88
N LYS A 86 10.58 22.81 -9.99
CA LYS A 86 9.47 21.87 -9.83
C LYS A 86 9.62 21.21 -8.47
N ILE A 87 8.49 20.75 -7.92
CA ILE A 87 8.48 19.87 -6.75
C ILE A 87 7.47 18.78 -7.06
N ASP A 88 7.98 17.56 -7.21
CA ASP A 88 7.15 16.42 -7.61
C ASP A 88 6.57 15.65 -6.43
N ILE A 89 7.34 15.56 -5.35
CA ILE A 89 7.00 14.70 -4.21
C ILE A 89 7.21 15.50 -2.93
N LEU A 90 6.22 15.41 -2.02
CA LEU A 90 6.34 15.94 -0.66
C LEU A 90 6.07 14.79 0.30
N VAL A 91 7.03 14.56 1.21
CA VAL A 91 6.82 13.64 2.31
C VAL A 91 6.73 14.48 3.58
N ASN A 92 5.53 14.52 4.16
CA ASN A 92 5.29 15.24 5.41
C ASN A 92 5.63 14.32 6.58
N ASN A 93 6.63 14.72 7.35
CA ASN A 93 7.22 13.87 8.37
C ASN A 93 7.73 14.77 9.48
N SER A 94 6.90 15.03 10.48
CA SER A 94 7.33 15.91 11.56
C SER A 94 6.72 15.46 12.86
N GLU A 95 7.16 16.07 13.96
CA GLU A 95 6.96 15.55 15.30
C GLU A 95 5.59 15.92 15.86
N GLY A 96 4.99 15.01 16.61
N ALA A 100 3.42 14.82 25.69
CA ALA A 100 3.97 14.40 26.98
C ALA A 100 2.84 14.10 27.98
N GLU A 101 2.08 15.14 28.34
CA GLU A 101 0.94 14.98 29.22
C GLU A 101 -0.17 14.23 28.48
N ASN A 102 -0.70 13.19 29.14
CA ASN A 102 -1.63 12.25 28.53
C ASN A 102 -3.05 12.28 29.10
N LEU A 103 -3.22 12.84 30.29
CA LEU A 103 -4.51 12.84 30.97
C LEU A 103 -5.37 14.03 30.54
N ILE A 104 -6.60 13.73 30.13
CA ILE A 104 -7.51 14.69 29.47
C ILE A 104 -7.77 15.93 30.31
N GLU A 105 -8.10 15.71 31.59
CA GLU A 105 -8.41 16.80 32.51
C GLU A 105 -7.28 17.82 32.63
N ASN A 106 -6.05 17.36 32.53
CA ASN A 106 -4.88 18.24 32.65
C ASN A 106 -4.56 19.08 31.41
N LEU A 107 -5.25 18.85 30.30
CA LEU A 107 -4.98 19.58 29.05
C LEU A 107 -5.87 20.81 28.86
N SER A 108 -5.24 21.99 28.84
CA SER A 108 -5.93 23.28 28.71
C SER A 108 -6.24 23.65 27.26
N ASP A 109 -6.93 24.79 27.08
CA ASP A 109 -7.14 25.38 25.75
C ASP A 109 -5.83 25.65 25.05
N GLU A 110 -4.92 26.31 25.77
CA GLU A 110 -3.60 26.63 25.24
C GLU A 110 -2.86 25.37 24.83
N ASP A 111 -2.98 24.31 25.64
CA ASP A 111 -2.34 23.04 25.34
C ASP A 111 -2.85 22.49 24.00
N TRP A 112 -4.17 22.46 23.81
CA TRP A 112 -4.75 21.93 22.58
C TRP A 112 -4.45 22.82 21.37
N LEU A 113 -4.59 24.13 21.55
CA LEU A 113 -4.25 25.06 20.47
C LEU A 113 -2.78 24.90 20.08
N ASN A 114 -1.92 24.69 21.07
CA ASN A 114 -0.49 24.46 20.81
C ASN A 114 -0.25 23.18 20.02
N VAL A 115 -0.99 22.11 20.33
CA VAL A 115 -0.82 20.87 19.56
CA VAL A 115 -0.89 20.86 19.58
C VAL A 115 -1.29 21.10 18.13
N PHE A 116 -2.40 21.82 17.93
CA PHE A 116 -2.92 22.04 16.58
C PHE A 116 -1.98 22.92 15.74
N GLN A 117 -1.26 23.84 16.39
CA GLN A 117 -0.30 24.71 15.70
C GLN A 117 1.03 24.01 15.37
N GLY A 118 1.16 22.74 15.73
CA GLY A 118 2.32 21.94 15.37
C GLY A 118 2.09 21.15 14.09
N LYS A 119 2.12 19.83 14.24
CA LYS A 119 2.03 18.92 13.10
CA LYS A 119 2.02 18.89 13.13
C LYS A 119 0.74 19.06 12.30
N LEU A 120 -0.39 19.28 12.97
CA LEU A 120 -1.67 19.36 12.26
C LEU A 120 -1.66 20.48 11.21
N ILE A 121 -1.49 21.72 11.65
CA ILE A 121 -1.44 22.82 10.70
CA ILE A 121 -1.44 22.84 10.71
C ILE A 121 -0.17 22.76 9.85
N GLY A 122 0.90 22.16 10.40
CA GLY A 122 2.15 22.02 9.66
C GLY A 122 1.99 21.24 8.37
N TYR A 123 1.35 20.08 8.46
CA TYR A 123 1.10 19.26 7.29
C TYR A 123 0.11 19.93 6.33
N ILE A 124 -0.94 20.52 6.89
CA ILE A 124 -1.93 21.22 6.07
C ILE A 124 -1.29 22.37 5.29
N ARG A 125 -0.50 23.19 5.99
CA ARG A 125 0.16 24.31 5.36
C ARG A 125 1.09 23.89 4.23
N LEU A 126 1.95 22.92 4.48
CA LEU A 126 2.91 22.48 3.46
CA LEU A 126 2.92 22.51 3.46
C LEU A 126 2.19 21.88 2.26
N THR A 127 1.14 21.12 2.53
CA THR A 127 0.31 20.59 1.46
C THR A 127 -0.24 21.75 0.62
N ASN A 128 -0.82 22.74 1.28
CA ASN A 128 -1.38 23.89 0.57
C ASN A 128 -0.34 24.61 -0.28
N LEU A 129 0.90 24.70 0.22
CA LEU A 129 1.97 25.39 -0.50
C LEU A 129 2.44 24.64 -1.75
N VAL A 130 2.45 23.31 -1.71
CA VAL A 130 2.92 22.56 -2.87
C VAL A 130 1.83 22.27 -3.89
N LEU A 131 0.57 22.32 -3.48
CA LEU A 131 -0.52 21.96 -4.40
C LEU A 131 -0.55 22.76 -5.71
N PRO A 132 -0.39 24.10 -5.66
CA PRO A 132 -0.44 24.83 -6.95
C PRO A 132 0.66 24.42 -7.92
N ILE A 133 1.82 24.09 -7.36
CA ILE A 133 2.98 23.67 -8.12
CA ILE A 133 2.98 23.68 -8.13
C ILE A 133 2.72 22.30 -8.76
N MET A 134 2.25 21.36 -7.96
CA MET A 134 1.96 20.02 -8.45
C MET A 134 0.81 20.00 -9.46
N LYS A 135 -0.21 20.83 -9.23
CA LYS A 135 -1.32 20.92 -10.19
CA LYS A 135 -1.33 20.95 -10.18
CA LYS A 135 -1.33 20.93 -10.18
C LYS A 135 -0.85 21.50 -11.52
N LYS A 136 0.01 22.51 -11.48
CA LYS A 136 0.59 23.06 -12.72
C LYS A 136 1.32 21.97 -13.52
N GLN A 137 2.06 21.13 -12.80
CA GLN A 137 2.82 20.02 -13.37
C GLN A 137 1.96 18.87 -13.88
N HIS A 138 0.70 18.81 -13.42
CA HIS A 138 -0.12 17.60 -13.54
C HIS A 138 0.63 16.37 -13.03
N TRP A 139 1.40 16.55 -11.96
CA TRP A 139 2.13 15.45 -11.37
C TRP A 139 2.49 15.83 -9.95
N GLY A 140 1.99 15.05 -9.00
CA GLY A 140 2.39 15.23 -7.63
C GLY A 140 2.12 13.99 -6.82
N ARG A 141 2.92 13.81 -5.78
CA ARG A 141 2.70 12.80 -4.78
C ARG A 141 2.95 13.42 -3.43
N ILE A 142 1.98 13.30 -2.53
CA ILE A 142 2.17 13.72 -1.16
C ILE A 142 1.94 12.50 -0.27
N VAL A 143 2.90 12.20 0.60
CA VAL A 143 2.75 11.10 1.54
C VAL A 143 2.87 11.69 2.93
N ASN A 144 1.81 11.52 3.72
CA ASN A 144 1.79 11.98 5.10
C ASN A 144 2.17 10.86 6.05
N ILE A 145 3.19 11.07 6.86
CA ILE A 145 3.59 10.11 7.87
CA ILE A 145 3.57 10.10 7.87
C ILE A 145 2.81 10.47 9.14
N ILE A 146 1.85 9.61 9.49
CA ILE A 146 0.91 9.86 10.58
CA ILE A 146 0.95 9.88 10.60
C ILE A 146 1.18 8.84 11.68
N GLY A 147 2.08 9.19 12.58
CA GLY A 147 2.46 8.29 13.66
C GLY A 147 2.58 9.04 14.95
N THR A 148 3.37 8.48 15.87
CA THR A 148 3.43 8.93 17.25
C THR A 148 4.84 9.35 17.66
N SER A 149 5.67 9.70 16.66
CA SER A 149 7.02 10.22 16.91
CA SER A 149 7.02 10.21 16.90
C SER A 149 7.87 9.31 17.79
N GLY A 150 7.86 8.01 17.48
CA GLY A 150 8.72 7.05 18.19
C GLY A 150 8.19 6.53 19.52
N LYS A 151 6.99 6.94 19.92
CA LYS A 151 6.34 6.41 21.11
C LYS A 151 5.64 5.11 20.73
N GLU A 152 5.50 4.21 21.70
CA GLU A 152 4.79 2.95 21.47
C GLU A 152 3.36 3.26 21.05
N PRO A 153 2.93 2.79 19.85
CA PRO A 153 1.55 3.03 19.43
C PRO A 153 0.55 2.56 20.48
N SER A 154 -0.34 3.45 20.89
CA SER A 154 -1.29 3.15 21.95
C SER A 154 -2.47 4.11 21.88
N PRO A 155 -3.68 3.62 22.22
CA PRO A 155 -4.83 4.53 22.29
C PRO A 155 -4.65 5.58 23.38
N ARG A 156 -3.84 5.27 24.40
CA ARG A 156 -3.50 6.20 25.46
C ARG A 156 -2.97 7.55 24.95
N LEU A 157 -2.24 7.54 23.83
CA LEU A 157 -1.69 8.77 23.26
C LEU A 157 -2.82 9.65 22.68
N VAL A 158 -3.35 10.52 23.54
CA VAL A 158 -4.59 11.26 23.27
CA VAL A 158 -4.60 11.23 23.23
C VAL A 158 -4.41 12.40 22.27
N LYS A 159 -3.31 13.14 22.41
CA LYS A 159 -3.08 14.32 21.57
C LYS A 159 -2.84 13.88 20.14
N SER A 160 -1.92 12.93 19.98
CA SER A 160 -1.61 12.39 18.65
CA SER A 160 -1.61 12.37 18.67
C SER A 160 -2.83 11.70 18.04
N GLY A 161 -3.64 11.06 18.87
CA GLY A 161 -4.86 10.41 18.37
C GLY A 161 -5.77 11.40 17.65
N VAL A 162 -6.00 12.54 18.29
CA VAL A 162 -6.88 13.57 17.74
C VAL A 162 -6.29 14.15 16.45
N VAL A 163 -5.02 14.53 16.52
CA VAL A 163 -4.32 15.11 15.37
C VAL A 163 -4.29 14.13 14.20
N ASN A 164 -3.98 12.88 14.50
CA ASN A 164 -3.86 11.89 13.44
C ASN A 164 -5.20 11.56 12.78
N ALA A 165 -6.27 11.52 13.58
CA ALA A 165 -7.60 11.36 13.01
C ALA A 165 -7.94 12.52 12.08
N ALA A 166 -7.64 13.74 12.51
CA ALA A 166 -7.85 14.93 11.68
C ALA A 166 -7.06 14.83 10.39
N LEU A 167 -5.80 14.43 10.48
CA LEU A 167 -4.95 14.35 9.28
C LEU A 167 -5.38 13.25 8.33
N MET A 168 -5.88 12.13 8.85
CA MET A 168 -6.37 11.06 7.98
C MET A 168 -7.59 11.53 7.19
N ASN A 169 -8.46 12.30 7.83
CA ASN A 169 -9.61 12.83 7.12
C ASN A 169 -9.22 13.92 6.10
N PHE A 170 -8.29 14.80 6.50
CA PHE A 170 -7.77 15.81 5.60
C PHE A 170 -7.19 15.15 4.34
N THR A 171 -6.44 14.07 4.54
CA THR A 171 -5.85 13.32 3.43
C THR A 171 -6.92 12.92 2.41
N LYS A 172 -8.03 12.38 2.91
CA LYS A 172 -9.12 11.94 2.03
C LYS A 172 -9.70 13.11 1.25
N SER A 173 -9.96 14.22 1.93
CA SER A 173 -10.56 15.39 1.31
C SER A 173 -9.67 16.02 0.26
N VAL A 174 -8.40 16.22 0.57
CA VAL A 174 -7.52 16.80 -0.41
CA VAL A 174 -7.43 16.75 -0.40
C VAL A 174 -7.35 15.82 -1.59
N ALA A 175 -7.20 14.54 -1.31
CA ALA A 175 -7.09 13.55 -2.40
C ALA A 175 -8.25 13.65 -3.38
N ARG A 176 -9.46 13.75 -2.86
CA ARG A 176 -10.63 13.82 -3.72
C ARG A 176 -10.58 15.05 -4.63
N GLN A 177 -10.15 16.18 -4.08
CA GLN A 177 -10.13 17.43 -4.85
C GLN A 177 -8.98 17.52 -5.86
N THR A 178 -7.85 16.88 -5.58
CA THR A 178 -6.67 17.03 -6.44
C THR A 178 -6.48 15.86 -7.40
N ALA A 179 -7.27 14.81 -7.22
CA ALA A 179 -7.20 13.64 -8.10
C ALA A 179 -7.33 13.96 -9.60
N PRO A 180 -8.21 14.90 -9.98
CA PRO A 180 -8.30 15.25 -11.41
C PRO A 180 -7.02 15.87 -12.01
N TYR A 181 -6.06 16.25 -11.19
CA TYR A 181 -4.79 16.83 -11.64
C TYR A 181 -3.61 15.87 -11.55
N ASN A 182 -3.87 14.59 -11.26
CA ASN A 182 -2.81 13.58 -11.04
CA ASN A 182 -2.79 13.65 -11.11
C ASN A 182 -1.89 14.01 -9.92
N VAL A 183 -2.49 14.57 -8.87
CA VAL A 183 -1.78 14.90 -7.65
C VAL A 183 -2.38 13.98 -6.61
N LEU A 184 -1.60 13.00 -6.18
CA LEU A 184 -2.10 11.91 -5.34
C LEU A 184 -1.58 12.07 -3.93
N ILE A 185 -2.44 11.79 -2.97
CA ILE A 185 -2.07 12.00 -1.58
CA ILE A 185 -2.15 12.06 -1.57
C ILE A 185 -2.58 10.86 -0.72
N ASN A 186 -1.66 10.31 0.07
CA ASN A 186 -1.94 9.14 0.90
C ASN A 186 -1.20 9.30 2.21
N SER A 187 -1.59 8.50 3.19
CA SER A 187 -0.89 8.50 4.47
CA SER A 187 -0.91 8.50 4.48
C SER A 187 -0.40 7.10 4.84
N VAL A 188 0.67 7.07 5.61
CA VAL A 188 1.22 5.84 6.14
C VAL A 188 1.33 6.00 7.65
N ASN A 189 0.82 4.99 8.37
CA ASN A 189 0.82 4.96 9.82
CA ASN A 189 0.83 4.96 9.82
C ASN A 189 1.85 3.95 10.31
N PRO A 190 3.00 4.43 10.84
CA PRO A 190 3.98 3.47 11.32
C PRO A 190 3.54 2.75 12.58
N GLY A 191 3.95 1.48 12.69
CA GLY A 191 3.93 0.78 13.97
C GLY A 191 5.21 1.12 14.72
N VAL A 192 5.81 0.12 15.35
CA VAL A 192 7.05 0.33 16.08
C VAL A 192 8.19 0.16 15.09
N ILE A 193 8.91 1.25 14.83
CA ILE A 193 10.02 1.29 13.88
C ILE A 193 11.28 1.68 14.66
N ASP A 194 12.41 1.05 14.35
CA ASP A 194 13.65 1.29 15.06
C ASP A 194 14.31 2.60 14.59
N THR A 195 13.94 3.68 15.28
CA THR A 195 14.44 5.03 15.00
C THR A 195 15.15 5.61 16.23
N PRO A 196 15.93 6.70 16.04
CA PRO A 196 16.50 7.38 17.20
C PRO A 196 15.48 7.72 18.30
N ARG A 197 14.32 8.24 17.92
CA ARG A 197 13.27 8.59 18.89
C ARG A 197 12.74 7.36 19.64
N HIS A 198 12.56 6.26 18.92
CA HIS A 198 12.15 4.99 19.54
C HIS A 198 13.16 4.55 20.57
N ARG A 199 14.43 4.59 20.20
CA ARG A 199 15.51 4.19 21.11
CA ARG A 199 15.50 4.18 21.10
C ARG A 199 15.59 5.12 22.32
N GLU A 200 15.34 6.41 22.10
CA GLU A 200 15.30 7.37 23.21
C GLU A 200 14.11 7.10 24.13
N TYR A 201 12.98 6.71 23.54
CA TYR A 201 11.78 6.33 24.29
C TYR A 201 12.03 5.09 25.17
N LEU A 202 12.77 4.11 24.65
CA LEU A 202 13.14 2.93 25.44
C LEU A 202 13.89 3.34 26.70
N GLU A 203 14.82 4.28 26.56
CA GLU A 203 15.57 4.81 27.70
C GLU A 203 14.68 5.52 28.72
N ILE A 204 13.79 6.36 28.22
CA ILE A 204 12.91 7.16 29.09
C ILE A 204 11.87 6.31 29.81
N TYR A 205 11.35 5.28 29.14
CA TYR A 205 10.38 4.36 29.74
C TYR A 205 11.02 3.43 30.76
N ALA A 206 12.26 3.02 30.49
CA ALA A 206 13.00 2.12 31.38
C ALA A 206 13.28 2.75 32.75
N LYS A 207 13.47 4.07 32.77
CA LYS A 207 13.68 4.80 34.01
C LYS A 207 12.39 4.93 34.81
N LYS A 208 11.32 5.35 34.14
CA LYS A 208 9.99 5.46 34.77
C LYS A 208 9.37 4.07 34.91
N GLU A 209 9.69 3.39 36.00
CA GLU A 209 9.31 1.99 36.19
C GLU A 209 10.42 1.18 36.86
N GLY A 210 11.67 1.59 36.64
CA GLY A 210 12.81 0.97 37.29
C GLY A 210 13.21 -0.34 36.63
N THR A 211 13.66 -0.26 35.38
CA THR A 211 14.09 -1.43 34.63
C THR A 211 15.07 -1.04 33.51
N THR A 212 15.33 -1.96 32.59
CA THR A 212 16.32 -1.76 31.53
C THR A 212 15.64 -1.45 30.19
N PRO A 213 16.41 -0.94 29.20
CA PRO A 213 15.86 -0.74 27.85
C PRO A 213 15.50 -2.05 27.15
N ASP A 214 16.35 -3.07 27.31
CA ASP A 214 16.10 -4.39 26.72
C ASP A 214 14.82 -5.02 27.25
N LEU A 215 14.53 -4.78 28.54
CA LEU A 215 13.31 -5.30 29.16
C LEU A 215 12.06 -4.63 28.59
N ILE A 216 12.12 -3.31 28.41
CA ILE A 216 11.00 -2.56 27.83
C ILE A 216 10.77 -2.99 26.39
N ARG A 217 11.87 -3.20 25.65
CA ARG A 217 11.81 -3.68 24.27
C ARG A 217 11.12 -5.03 24.17
N GLU A 218 11.46 -5.94 25.10
CA GLU A 218 10.83 -7.27 25.12
C GLU A 218 9.31 -7.19 25.33
N ARG A 219 8.87 -6.26 26.18
CA ARG A 219 7.45 -6.03 26.41
C ARG A 219 6.74 -5.53 25.14
N ILE A 220 7.42 -4.65 24.41
CA ILE A 220 6.89 -4.12 23.15
C ILE A 220 6.79 -5.22 22.11
N LEU A 221 7.83 -6.05 22.00
CA LEU A 221 7.85 -7.16 21.04
C LEU A 221 6.66 -8.12 21.20
N LYS A 222 6.23 -8.34 22.44
CA LYS A 222 5.07 -9.18 22.71
C LYS A 222 3.74 -8.66 22.14
N THR A 223 3.65 -7.36 21.93
CA THR A 223 2.43 -6.74 21.39
C THR A 223 2.35 -6.82 19.85
N ILE A 224 3.49 -7.04 19.20
CA ILE A 224 3.58 -7.03 17.75
C ILE A 224 3.46 -8.45 17.22
N PRO A 225 2.44 -8.75 16.39
CA PRO A 225 2.30 -10.13 15.94
C PRO A 225 3.55 -10.70 15.27
N MET A 226 4.27 -9.88 14.51
CA MET A 226 5.50 -10.34 13.89
CA MET A 226 5.52 -10.32 13.87
C MET A 226 6.64 -10.58 14.88
N ASN A 227 6.50 -10.09 16.11
CA ASN A 227 7.51 -10.28 17.15
C ASN A 227 8.87 -9.71 16.74
N ARG A 228 8.81 -8.57 16.07
CA ARG A 228 9.98 -7.91 15.54
C ARG A 228 9.63 -6.45 15.35
N ILE A 229 10.59 -5.58 15.65
CA ILE A 229 10.45 -4.14 15.42
C ILE A 229 10.88 -3.84 13.98
N GLY A 230 10.12 -2.98 13.30
CA GLY A 230 10.39 -2.69 11.89
C GLY A 230 11.61 -1.84 11.70
N THR A 231 12.21 -1.93 10.52
CA THR A 231 13.34 -1.07 10.18
C THR A 231 12.89 0.16 9.40
N THR A 232 13.71 1.19 9.41
CA THR A 232 13.39 2.37 8.62
C THR A 232 13.38 2.04 7.13
N GLU A 233 14.17 1.07 6.69
CA GLU A 233 14.14 0.68 5.28
CA GLU A 233 14.14 0.66 5.28
C GLU A 233 12.79 0.05 4.91
N GLU A 234 12.27 -0.80 5.79
CA GLU A 234 10.97 -1.43 5.55
C GLU A 234 9.87 -0.39 5.43
N PHE A 235 9.94 0.64 6.26
CA PHE A 235 8.98 1.72 6.22
CA PHE A 235 9.00 1.76 6.24
C PHE A 235 9.17 2.53 4.94
N ALA A 236 10.40 2.90 4.64
CA ALA A 236 10.69 3.72 3.47
C ALA A 236 10.24 3.08 2.17
N ASN A 237 10.35 1.75 2.08
CA ASN A 237 9.97 1.07 0.84
C ASN A 237 8.54 1.40 0.42
N LEU A 238 7.61 1.42 1.36
CA LEU A 238 6.22 1.72 1.02
C LEU A 238 6.05 3.18 0.62
N VAL A 239 6.73 4.08 1.34
CA VAL A 239 6.63 5.49 1.03
C VAL A 239 7.11 5.75 -0.40
N VAL A 240 8.23 5.14 -0.76
CA VAL A 240 8.81 5.32 -2.09
C VAL A 240 7.88 4.73 -3.16
N PHE A 241 7.28 3.57 -2.90
CA PHE A 241 6.30 3.02 -3.82
C PHE A 241 5.13 3.99 -4.02
N LEU A 242 4.58 4.53 -2.93
CA LEU A 242 3.46 5.46 -3.04
C LEU A 242 3.83 6.74 -3.78
N ALA A 243 5.09 7.14 -3.68
CA ALA A 243 5.57 8.35 -4.34
C ALA A 243 5.92 8.14 -5.81
N SER A 244 5.69 6.93 -6.32
CA SER A 244 6.18 6.55 -7.66
C SER A 244 5.11 6.64 -8.73
N GLU A 245 5.56 6.48 -9.98
CA GLU A 245 4.64 6.37 -11.11
C GLU A 245 3.77 5.12 -10.99
N CYS A 246 4.30 4.09 -10.34
CA CYS A 246 3.59 2.82 -10.22
C CYS A 246 2.32 2.92 -9.37
N ALA A 247 2.27 3.91 -8.49
CA ALA A 247 1.11 4.12 -7.61
C ALA A 247 0.11 5.11 -8.21
N SER A 248 0.07 5.18 -9.54
CA SER A 248 -0.75 6.17 -10.23
C SER A 248 -2.26 6.03 -10.07
N TYR A 249 -2.76 4.91 -9.55
CA TYR A 249 -4.19 4.78 -9.29
C TYR A 249 -4.54 4.71 -7.80
N ILE A 250 -3.58 5.07 -6.94
CA ILE A 250 -3.77 4.98 -5.49
C ILE A 250 -3.81 6.38 -4.90
N THR A 251 -4.95 6.75 -4.32
CA THR A 251 -5.05 8.04 -3.65
C THR A 251 -6.12 8.04 -2.58
N GLY A 252 -5.91 8.88 -1.56
CA GLY A 252 -6.86 9.07 -0.48
C GLY A 252 -6.85 8.01 0.59
N ILE A 253 -5.85 7.14 0.62
CA ILE A 253 -5.86 6.01 1.54
CA ILE A 253 -5.88 6.01 1.55
C ILE A 253 -4.82 6.15 2.65
N THR A 254 -5.05 5.45 3.75
CA THR A 254 -4.10 5.38 4.85
C THR A 254 -3.69 3.92 4.99
N ILE A 255 -2.38 3.67 5.03
CA ILE A 255 -1.84 2.32 5.11
C ILE A 255 -1.03 2.14 6.38
N PRO A 256 -1.47 1.23 7.26
CA PRO A 256 -0.64 0.87 8.42
C PRO A 256 0.56 0.03 7.99
N LEU A 257 1.74 0.38 8.50
CA LEU A 257 2.97 -0.34 8.20
C LEU A 257 3.55 -0.70 9.57
N ASP A 258 3.14 -1.87 10.07
CA ASP A 258 3.16 -2.07 11.50
C ASP A 258 3.35 -3.49 12.00
N GLY A 259 3.78 -4.40 11.14
CA GLY A 259 4.05 -5.76 11.58
C GLY A 259 2.84 -6.49 12.14
N GLY A 260 1.64 -6.03 11.79
CA GLY A 260 0.42 -6.66 12.25
C GLY A 260 -0.25 -6.02 13.44
N LEU A 261 0.31 -4.92 13.96
CA LEU A 261 -0.27 -4.27 15.15
CA LEU A 261 -0.25 -4.27 15.15
C LEU A 261 -1.75 -3.98 15.00
N SER A 262 -2.17 -3.57 13.79
CA SER A 262 -3.57 -3.24 13.55
C SER A 262 -4.51 -4.46 13.56
N SER A 263 -3.95 -5.67 13.45
CA SER A 263 -4.74 -6.90 13.56
CA SER A 263 -4.75 -6.89 13.56
C SER A 263 -4.85 -7.34 15.01
N MET B 1 13.48 -0.20 -8.15
CA MET B 1 13.46 -0.84 -6.81
C MET B 1 13.58 -2.34 -6.95
N ASP B 2 14.55 -2.92 -6.26
CA ASP B 2 14.79 -4.37 -6.26
C ASP B 2 13.80 -5.01 -5.29
N LEU B 3 12.84 -5.74 -5.84
CA LEU B 3 11.77 -6.35 -5.05
C LEU B 3 12.15 -7.70 -4.44
N GLY B 4 13.34 -8.22 -4.75
CA GLY B 4 13.81 -9.45 -4.13
C GLY B 4 13.03 -10.69 -4.51
N LEU B 5 12.50 -10.70 -5.74
CA LEU B 5 11.60 -11.77 -6.19
C LEU B 5 12.27 -12.79 -7.11
N LYS B 6 13.56 -12.64 -7.39
CA LYS B 6 14.24 -13.58 -8.29
C LYS B 6 14.08 -15.00 -7.79
N ASP B 7 13.57 -15.86 -8.66
CA ASP B 7 13.41 -17.30 -8.39
C ASP B 7 12.34 -17.65 -7.37
N LYS B 8 11.58 -16.67 -6.91
CA LYS B 8 10.42 -16.94 -6.06
CA LYS B 8 10.42 -16.95 -6.06
C LYS B 8 9.35 -17.63 -6.90
N VAL B 9 8.58 -18.50 -6.27
CA VAL B 9 7.54 -19.26 -6.97
C VAL B 9 6.18 -18.69 -6.58
N ALA B 10 5.43 -18.24 -7.59
CA ALA B 10 4.15 -17.59 -7.37
C ALA B 10 3.01 -18.33 -8.06
N LEU B 11 1.97 -18.63 -7.29
CA LEU B 11 0.71 -19.16 -7.80
C LEU B 11 -0.28 -18.00 -7.89
N ILE B 12 -0.80 -17.78 -9.10
CA ILE B 12 -1.82 -16.76 -9.33
C ILE B 12 -3.05 -17.46 -9.85
N THR B 13 -4.16 -17.39 -9.11
CA THR B 13 -5.39 -17.98 -9.61
C THR B 13 -6.09 -16.98 -10.52
N GLY B 14 -6.99 -17.49 -11.37
CA GLY B 14 -7.71 -16.63 -12.31
C GLY B 14 -6.78 -15.88 -13.25
N SER B 15 -5.71 -16.54 -13.67
CA SER B 15 -4.64 -15.85 -14.40
C SER B 15 -4.70 -16.02 -15.92
N SER B 16 -5.81 -16.51 -16.46
CA SER B 16 -5.93 -16.65 -17.91
CA SER B 16 -6.00 -16.67 -17.91
C SER B 16 -6.22 -15.32 -18.60
N ALA B 17 -6.73 -14.35 -17.85
CA ALA B 17 -7.08 -13.04 -18.43
C ALA B 17 -7.13 -11.95 -17.37
N GLY B 18 -7.25 -10.71 -17.83
CA GLY B 18 -7.52 -9.58 -16.94
C GLY B 18 -6.48 -9.35 -15.87
N ILE B 19 -6.97 -9.02 -14.68
CA ILE B 19 -6.11 -8.68 -13.54
CA ILE B 19 -6.08 -8.68 -13.57
C ILE B 19 -5.11 -9.81 -13.25
N GLY B 20 -5.60 -11.04 -13.21
CA GLY B 20 -4.75 -12.17 -12.86
C GLY B 20 -3.63 -12.38 -13.87
N PHE B 21 -3.96 -12.24 -15.15
CA PHE B 21 -2.94 -12.38 -16.19
C PHE B 21 -1.85 -11.32 -16.04
N THR B 22 -2.25 -10.07 -15.83
CA THR B 22 -1.28 -8.98 -15.72
C THR B 22 -0.40 -9.14 -14.47
N ILE B 23 -1.00 -9.60 -13.38
CA ILE B 23 -0.23 -9.89 -12.18
C ILE B 23 0.82 -10.97 -12.49
N ALA B 24 0.42 -12.02 -13.19
CA ALA B 24 1.36 -13.09 -13.55
C ALA B 24 2.51 -12.54 -14.40
N GLU B 25 2.17 -11.72 -15.39
CA GLU B 25 3.17 -11.07 -16.27
CA GLU B 25 3.18 -11.11 -16.26
C GLU B 25 4.18 -10.28 -15.44
N LYS B 26 3.67 -9.46 -14.52
CA LYS B 26 4.52 -8.57 -13.74
CA LYS B 26 4.52 -8.58 -13.75
C LYS B 26 5.39 -9.35 -12.76
N LEU B 27 4.84 -10.41 -12.16
CA LEU B 27 5.65 -11.27 -11.30
C LEU B 27 6.78 -11.94 -12.10
N ALA B 28 6.47 -12.42 -13.30
CA ALA B 28 7.52 -12.98 -14.17
C ALA B 28 8.58 -11.92 -14.51
N GLU B 29 8.14 -10.70 -14.79
CA GLU B 29 9.07 -9.61 -15.07
C GLU B 29 10.07 -9.37 -13.94
N GLU B 30 9.62 -9.54 -12.69
CA GLU B 30 10.47 -9.36 -11.52
C GLU B 30 11.30 -10.60 -11.18
N GLY B 31 11.16 -11.67 -11.98
CA GLY B 31 11.99 -12.86 -11.82
C GLY B 31 11.35 -14.06 -11.18
N CYS B 32 10.04 -14.02 -10.96
CA CYS B 32 9.34 -15.19 -10.40
C CYS B 32 9.16 -16.30 -11.43
N HIS B 33 9.14 -17.52 -10.92
CA HIS B 33 8.58 -18.64 -11.65
C HIS B 33 7.10 -18.71 -11.30
N LEU B 34 6.29 -19.20 -12.23
CA LEU B 34 4.84 -19.09 -12.11
C LEU B 34 4.11 -20.43 -12.08
N ILE B 35 2.99 -20.42 -11.38
CA ILE B 35 1.91 -21.38 -11.58
C ILE B 35 0.70 -20.55 -11.95
N ILE B 36 0.14 -20.82 -13.13
CA ILE B 36 -1.09 -20.17 -13.57
C ILE B 36 -2.16 -21.24 -13.75
N CYS B 37 -3.42 -20.84 -13.58
CA CYS B 37 -4.51 -21.80 -13.65
C CYS B 37 -5.81 -21.14 -14.05
N GLY B 38 -6.76 -21.97 -14.46
CA GLY B 38 -8.09 -21.55 -14.88
C GLY B 38 -8.91 -22.76 -15.24
N ARG B 39 -10.22 -22.57 -15.35
CA ARG B 39 -11.14 -23.67 -15.66
C ARG B 39 -11.15 -24.04 -17.14
N ASN B 40 -10.88 -23.07 -18.01
CA ASN B 40 -10.95 -23.28 -19.45
C ASN B 40 -9.57 -23.54 -20.05
N SER B 41 -9.38 -24.74 -20.59
CA SER B 41 -8.08 -25.14 -21.11
C SER B 41 -7.61 -24.26 -22.27
N GLN B 42 -8.52 -23.93 -23.18
CA GLN B 42 -8.17 -23.12 -24.36
C GLN B 42 -7.68 -21.72 -23.96
N ARG B 43 -8.42 -21.04 -23.08
CA ARG B 43 -8.01 -19.71 -22.62
C ARG B 43 -6.72 -19.77 -21.80
N LEU B 44 -6.56 -20.83 -21.01
CA LEU B 44 -5.35 -21.00 -20.22
C LEU B 44 -4.13 -21.22 -21.10
N GLU B 45 -4.31 -22.01 -22.16
CA GLU B 45 -3.22 -22.25 -23.10
C GLU B 45 -2.78 -20.97 -23.82
N GLN B 46 -3.74 -20.12 -24.17
CA GLN B 46 -3.43 -18.81 -24.75
C GLN B 46 -2.59 -17.96 -23.80
N ALA B 47 -2.98 -17.93 -22.53
CA ALA B 47 -2.24 -17.17 -21.53
C ALA B 47 -0.83 -17.75 -21.35
N TYR B 48 -0.75 -19.08 -21.26
CA TYR B 48 0.54 -19.75 -21.13
C TYR B 48 1.48 -19.42 -22.29
N GLN B 49 0.98 -19.53 -23.51
CA GLN B 49 1.83 -19.26 -24.67
C GLN B 49 2.33 -17.82 -24.67
N SER B 50 1.45 -16.88 -24.32
CA SER B 50 1.86 -15.48 -24.24
C SER B 50 2.96 -15.27 -23.21
N LEU B 51 2.76 -15.82 -22.01
CA LEU B 51 3.76 -15.68 -20.93
C LEU B 51 5.07 -16.41 -21.24
N ALA B 52 4.97 -17.63 -21.76
CA ALA B 52 6.15 -18.42 -22.07
C ALA B 52 7.02 -17.78 -23.14
N GLN B 53 6.39 -17.16 -24.12
CA GLN B 53 7.12 -16.47 -25.19
C GLN B 53 7.71 -15.14 -24.73
N ALA B 54 7.04 -14.47 -23.80
CA ALA B 54 7.54 -13.20 -23.26
C ALA B 54 8.64 -13.39 -22.23
N TYR B 55 8.55 -14.48 -21.46
CA TYR B 55 9.50 -14.74 -20.37
C TYR B 55 10.07 -16.16 -20.49
N PRO B 56 10.82 -16.44 -21.58
CA PRO B 56 11.32 -17.80 -21.80
C PRO B 56 12.37 -18.27 -20.79
N ALA B 57 12.99 -17.33 -20.06
CA ALA B 57 13.97 -17.69 -19.04
C ALA B 57 13.31 -18.19 -17.75
N GLN B 58 12.02 -17.88 -17.57
CA GLN B 58 11.29 -18.27 -16.37
CA GLN B 58 11.26 -18.25 -16.38
C GLN B 58 10.54 -19.58 -16.57
N GLN B 59 10.38 -20.34 -15.49
CA GLN B 59 9.52 -21.53 -15.48
C GLN B 59 8.07 -21.10 -15.30
N ILE B 60 7.19 -21.70 -16.10
CA ILE B 60 5.75 -21.42 -16.04
C ILE B 60 5.01 -22.75 -16.10
N LEU B 61 4.29 -23.06 -15.03
CA LEU B 61 3.46 -24.25 -14.96
C LEU B 61 2.01 -23.81 -15.12
N ARG B 62 1.32 -24.37 -16.11
CA ARG B 62 -0.12 -24.08 -16.26
C ARG B 62 -0.94 -25.33 -15.98
N LEU B 63 -1.97 -25.16 -15.15
CA LEU B 63 -2.80 -26.26 -14.70
C LEU B 63 -4.27 -25.88 -14.81
N VAL B 64 -5.06 -26.75 -15.43
CA VAL B 64 -6.50 -26.56 -15.50
C VAL B 64 -7.07 -26.99 -14.14
N ALA B 65 -7.85 -26.11 -13.53
CA ALA B 65 -8.39 -26.37 -12.21
C ALA B 65 -9.52 -25.40 -11.91
N ASP B 66 -10.53 -25.89 -11.20
CA ASP B 66 -11.59 -25.06 -10.66
C ASP B 66 -11.26 -24.81 -9.20
N VAL B 67 -10.75 -23.62 -8.90
CA VAL B 67 -10.33 -23.29 -7.52
C VAL B 67 -11.48 -23.00 -6.56
N HIS B 68 -12.71 -23.21 -7.00
CA HIS B 68 -13.86 -23.27 -6.08
C HIS B 68 -14.24 -24.72 -5.72
N GLN B 69 -13.47 -25.70 -6.21
CA GLN B 69 -13.70 -27.10 -5.87
CA GLN B 69 -13.70 -27.10 -5.87
C GLN B 69 -12.54 -27.64 -5.03
N ALA B 70 -12.87 -28.35 -3.96
CA ALA B 70 -11.86 -28.84 -3.01
C ALA B 70 -10.81 -29.75 -3.65
N GLN B 71 -11.26 -30.74 -4.41
CA GLN B 71 -10.33 -31.71 -5.00
CA GLN B 71 -10.33 -31.71 -5.00
C GLN B 71 -9.36 -31.02 -5.96
N ASP B 72 -9.88 -30.18 -6.85
CA ASP B 72 -9.06 -29.44 -7.81
C ASP B 72 -8.05 -28.54 -7.12
N SER B 73 -8.49 -27.87 -6.05
CA SER B 73 -7.61 -26.97 -5.31
C SER B 73 -6.49 -27.74 -4.61
N GLU B 74 -6.85 -28.86 -3.98
CA GLU B 74 -5.84 -29.70 -3.33
C GLU B 74 -4.83 -30.23 -4.35
N GLN B 75 -5.31 -30.67 -5.51
CA GLN B 75 -4.43 -31.21 -6.54
C GLN B 75 -3.55 -30.13 -7.15
N LEU B 76 -4.11 -28.93 -7.30
CA LEU B 76 -3.35 -27.78 -7.79
C LEU B 76 -2.10 -27.53 -6.94
N ILE B 77 -2.27 -27.54 -5.63
CA ILE B 77 -1.17 -27.31 -4.71
C ILE B 77 -0.18 -28.48 -4.71
N GLN B 78 -0.68 -29.72 -4.72
CA GLN B 78 0.20 -30.89 -4.78
CA GLN B 78 0.19 -30.89 -4.79
C GLN B 78 1.03 -30.86 -6.06
N ASP B 79 0.40 -30.56 -7.19
CA ASP B 79 1.11 -30.50 -8.47
C ASP B 79 2.16 -29.39 -8.47
N SER B 80 1.82 -28.25 -7.88
CA SER B 80 2.75 -27.13 -7.76
C SER B 80 3.98 -27.52 -6.95
N LEU B 81 3.75 -28.18 -5.82
CA LEU B 81 4.85 -28.66 -4.96
C LEU B 81 5.71 -29.71 -5.65
N ASN B 82 5.08 -30.62 -6.37
CA ASN B 82 5.84 -31.63 -7.11
C ASN B 82 6.75 -31.00 -8.16
N GLN B 83 6.32 -29.89 -8.76
CA GLN B 83 7.12 -29.20 -9.77
C GLN B 83 8.26 -28.36 -9.17
N TYR B 84 7.93 -27.57 -8.15
CA TYR B 84 8.82 -26.53 -7.65
C TYR B 84 9.41 -26.78 -6.28
N GLY B 85 8.78 -27.65 -5.50
CA GLY B 85 9.23 -27.95 -4.14
C GLY B 85 8.85 -26.90 -3.11
N LYS B 86 8.29 -25.78 -3.57
CA LYS B 86 7.93 -24.67 -2.70
CA LYS B 86 7.97 -24.65 -2.72
C LYS B 86 6.89 -23.81 -3.40
N ILE B 87 6.18 -23.02 -2.62
CA ILE B 87 5.32 -21.95 -3.14
C ILE B 87 5.58 -20.75 -2.22
N ASP B 88 6.09 -19.66 -2.79
CA ASP B 88 6.42 -18.47 -2.02
C ASP B 88 5.28 -17.47 -1.93
N ILE B 89 4.49 -17.39 -3.01
CA ILE B 89 3.48 -16.36 -3.18
C ILE B 89 2.19 -17.00 -3.67
N LEU B 90 1.07 -16.61 -3.05
CA LEU B 90 -0.26 -16.95 -3.53
C LEU B 90 -1.04 -15.67 -3.75
N VAL B 91 -1.55 -15.49 -4.96
CA VAL B 91 -2.50 -14.42 -5.25
C VAL B 91 -3.86 -15.08 -5.48
N ASN B 92 -4.76 -14.86 -4.52
CA ASN B 92 -6.13 -15.35 -4.60
C ASN B 92 -6.94 -14.39 -5.42
N ASN B 93 -7.35 -14.86 -6.60
CA ASN B 93 -8.06 -14.05 -7.57
C ASN B 93 -9.03 -15.00 -8.27
N SER B 94 -10.25 -15.08 -7.77
CA SER B 94 -11.26 -15.94 -8.41
C SER B 94 -12.59 -15.21 -8.42
N GLU B 95 -13.50 -15.73 -9.24
CA GLU B 95 -14.66 -14.96 -9.71
C GLU B 95 -15.63 -14.60 -8.59
N GLY B 96 -16.27 -13.45 -8.77
CA GLY B 96 -16.95 -12.74 -7.69
C GLY B 96 -16.25 -11.41 -7.50
N ASN B 102 -28.24 -7.21 -5.47
CA ASN B 102 -29.41 -8.05 -5.71
C ASN B 102 -30.50 -7.86 -4.67
N LEU B 103 -31.74 -8.16 -5.05
CA LEU B 103 -32.89 -8.01 -4.15
C LEU B 103 -32.85 -9.05 -3.03
N ILE B 104 -32.78 -8.57 -1.79
CA ILE B 104 -32.57 -9.44 -0.62
C ILE B 104 -33.62 -10.55 -0.52
N GLU B 105 -34.88 -10.19 -0.70
CA GLU B 105 -35.99 -11.14 -0.56
C GLU B 105 -35.99 -12.26 -1.59
N ASN B 106 -35.39 -12.02 -2.75
CA ASN B 106 -35.24 -13.05 -3.77
C ASN B 106 -34.21 -14.12 -3.41
N LEU B 107 -33.18 -13.73 -2.67
CA LEU B 107 -32.03 -14.61 -2.41
C LEU B 107 -32.33 -15.70 -1.38
N SER B 108 -32.32 -16.96 -1.84
CA SER B 108 -32.62 -18.12 -1.02
C SER B 108 -31.41 -18.63 -0.24
N ASP B 109 -31.64 -19.64 0.60
CA ASP B 109 -30.58 -20.34 1.33
C ASP B 109 -29.56 -20.95 0.40
N GLU B 110 -30.06 -21.65 -0.62
CA GLU B 110 -29.19 -22.28 -1.61
C GLU B 110 -28.36 -21.24 -2.34
N ASP B 111 -28.93 -20.07 -2.59
CA ASP B 111 -28.21 -18.97 -3.22
C ASP B 111 -27.06 -18.53 -2.32
N TRP B 112 -27.35 -18.27 -1.06
CA TRP B 112 -26.31 -17.86 -0.12
C TRP B 112 -25.26 -18.95 0.11
N LEU B 113 -25.71 -20.19 0.32
CA LEU B 113 -24.78 -21.30 0.52
C LEU B 113 -23.86 -21.47 -0.70
N ASN B 114 -24.44 -21.36 -1.90
CA ASN B 114 -23.65 -21.42 -3.14
C ASN B 114 -22.63 -20.30 -3.22
N VAL B 115 -23.04 -19.10 -2.80
CA VAL B 115 -22.13 -17.96 -2.70
C VAL B 115 -20.94 -18.34 -1.79
N PHE B 116 -21.24 -18.82 -0.58
CA PHE B 116 -20.19 -19.13 0.39
C PHE B 116 -19.31 -20.30 -0.06
N GLN B 117 -19.87 -21.24 -0.82
CA GLN B 117 -19.09 -22.37 -1.36
C GLN B 117 -18.27 -22.01 -2.60
N GLY B 118 -18.34 -20.75 -3.04
CA GLY B 118 -17.51 -20.25 -4.12
C GLY B 118 -16.25 -19.57 -3.61
N LYS B 119 -16.15 -18.26 -3.88
CA LYS B 119 -14.96 -17.48 -3.57
C LYS B 119 -14.59 -17.47 -2.07
N LEU B 120 -15.59 -17.42 -1.20
CA LEU B 120 -15.32 -17.33 0.24
C LEU B 120 -14.52 -18.53 0.74
N ILE B 121 -15.09 -19.73 0.62
CA ILE B 121 -14.36 -20.92 1.04
CA ILE B 121 -14.38 -20.95 1.02
C ILE B 121 -13.18 -21.19 0.11
N GLY B 122 -13.29 -20.76 -1.15
CA GLY B 122 -12.19 -20.93 -2.11
C GLY B 122 -10.89 -20.27 -1.65
N TYR B 123 -10.99 -19.01 -1.23
CA TYR B 123 -9.81 -18.28 -0.75
C TYR B 123 -9.32 -18.86 0.59
N ILE B 124 -10.26 -19.20 1.46
CA ILE B 124 -9.91 -19.75 2.76
C ILE B 124 -9.18 -21.09 2.59
N ARG B 125 -9.72 -21.95 1.73
CA ARG B 125 -9.13 -23.25 1.49
C ARG B 125 -7.72 -23.13 0.92
N LEU B 126 -7.53 -22.30 -0.11
CA LEU B 126 -6.21 -22.17 -0.71
CA LEU B 126 -6.21 -22.16 -0.72
C LEU B 126 -5.19 -21.58 0.28
N THR B 127 -5.65 -20.62 1.09
CA THR B 127 -4.80 -20.08 2.16
C THR B 127 -4.36 -21.23 3.08
N ASN B 128 -5.32 -22.03 3.53
CA ASN B 128 -5.01 -23.17 4.40
C ASN B 128 -4.02 -24.15 3.78
N LEU B 129 -4.12 -24.35 2.47
CA LEU B 129 -3.26 -25.29 1.77
C LEU B 129 -1.82 -24.78 1.65
N VAL B 130 -1.64 -23.48 1.46
CA VAL B 130 -0.28 -22.95 1.29
C VAL B 130 0.40 -22.56 2.60
N LEU B 131 -0.38 -22.28 3.65
CA LEU B 131 0.22 -21.83 4.91
C LEU B 131 1.33 -22.75 5.45
N PRO B 132 1.09 -24.08 5.50
CA PRO B 132 2.19 -24.90 6.03
C PRO B 132 3.46 -24.87 5.18
N ILE B 133 3.29 -24.71 3.86
CA ILE B 133 4.43 -24.61 2.95
C ILE B 133 5.23 -23.35 3.28
N MET B 134 4.54 -22.23 3.41
CA MET B 134 5.18 -20.95 3.63
C MET B 134 5.77 -20.86 5.04
N LYS B 135 5.06 -21.40 6.03
CA LYS B 135 5.53 -21.36 7.41
C LYS B 135 6.85 -22.14 7.57
N LYS B 136 6.96 -23.29 6.93
CA LYS B 136 8.20 -24.08 7.04
C LYS B 136 9.39 -23.40 6.33
N GLN B 137 9.08 -22.57 5.32
CA GLN B 137 10.05 -21.73 4.60
CA GLN B 137 10.10 -21.76 4.63
C GLN B 137 10.49 -20.52 5.42
N HIS B 138 9.69 -20.16 6.42
CA HIS B 138 9.75 -18.85 7.04
CA HIS B 138 9.74 -18.85 7.05
C HIS B 138 9.70 -17.72 5.98
N TRP B 139 8.87 -17.91 4.97
CA TRP B 139 8.72 -16.90 3.92
C TRP B 139 7.45 -17.17 3.16
N GLY B 140 6.54 -16.21 3.17
CA GLY B 140 5.35 -16.32 2.36
C GLY B 140 4.67 -14.99 2.17
N ARG B 141 3.96 -14.88 1.06
CA ARG B 141 3.11 -13.73 0.78
C ARG B 141 1.80 -14.25 0.20
N ILE B 142 0.69 -13.81 0.78
CA ILE B 142 -0.63 -14.08 0.23
C ILE B 142 -1.28 -12.73 -0.02
N VAL B 143 -1.77 -12.52 -1.24
CA VAL B 143 -2.52 -11.31 -1.56
C VAL B 143 -3.89 -11.72 -2.04
N ASN B 144 -4.92 -11.29 -1.31
CA ASN B 144 -6.29 -11.59 -1.68
C ASN B 144 -6.88 -10.45 -2.48
N ILE B 145 -7.37 -10.77 -3.68
CA ILE B 145 -8.03 -9.77 -4.51
C ILE B 145 -9.51 -9.80 -4.12
N ILE B 146 -9.96 -8.72 -3.49
CA ILE B 146 -11.30 -8.63 -2.93
CA ILE B 146 -11.32 -8.66 -2.96
C ILE B 146 -12.08 -7.58 -3.70
N GLY B 147 -12.71 -8.01 -4.78
CA GLY B 147 -13.43 -7.11 -5.67
C GLY B 147 -14.80 -7.64 -6.01
N THR B 148 -15.37 -7.04 -7.04
CA THR B 148 -16.71 -7.37 -7.52
C THR B 148 -16.65 -8.07 -8.88
N SER B 149 -15.46 -8.53 -9.26
CA SER B 149 -15.26 -9.27 -10.51
C SER B 149 -15.76 -8.53 -11.74
N GLY B 150 -15.38 -7.26 -11.86
CA GLY B 150 -15.71 -6.46 -13.05
C GLY B 150 -17.01 -5.68 -12.99
N LYS B 151 -17.80 -5.86 -11.95
CA LYS B 151 -19.02 -5.09 -11.77
C LYS B 151 -18.63 -3.76 -11.12
N GLU B 152 -19.33 -2.68 -11.44
CA GLU B 152 -19.01 -1.37 -10.90
CA GLU B 152 -18.99 -1.37 -10.90
C GLU B 152 -19.35 -1.34 -9.40
N PRO B 153 -18.40 -0.88 -8.56
CA PRO B 153 -18.64 -0.89 -7.11
C PRO B 153 -19.88 -0.10 -6.70
N SER B 154 -20.65 -0.66 -5.78
CA SER B 154 -21.92 -0.09 -5.35
C SER B 154 -22.44 -0.85 -4.13
N PRO B 155 -23.17 -0.15 -3.24
CA PRO B 155 -23.85 -0.83 -2.13
C PRO B 155 -24.91 -1.86 -2.57
N ARG B 156 -25.37 -1.77 -3.81
CA ARG B 156 -26.39 -2.68 -4.35
C ARG B 156 -25.94 -4.14 -4.47
N LEU B 157 -24.63 -4.37 -4.62
CA LEU B 157 -24.11 -5.73 -4.75
C LEU B 157 -24.01 -6.42 -3.39
N VAL B 158 -25.10 -7.07 -2.99
CA VAL B 158 -25.26 -7.59 -1.63
C VAL B 158 -24.41 -8.82 -1.32
N LYS B 159 -24.43 -9.81 -2.20
CA LYS B 159 -23.69 -11.05 -1.94
C LYS B 159 -22.18 -10.79 -1.87
N SER B 160 -21.65 -10.05 -2.84
CA SER B 160 -20.22 -9.75 -2.86
C SER B 160 -19.81 -8.94 -1.62
N GLY B 161 -20.66 -8.02 -1.18
CA GLY B 161 -20.37 -7.24 0.01
C GLY B 161 -20.17 -8.11 1.25
N VAL B 162 -21.05 -9.10 1.40
CA VAL B 162 -20.98 -10.00 2.56
C VAL B 162 -19.71 -10.85 2.49
N VAL B 163 -19.47 -11.46 1.33
CA VAL B 163 -18.30 -12.29 1.14
C VAL B 163 -17.01 -11.48 1.35
N ASN B 164 -16.97 -10.29 0.77
CA ASN B 164 -15.77 -9.47 0.86
C ASN B 164 -15.50 -8.96 2.29
N ALA B 165 -16.55 -8.63 3.04
CA ALA B 165 -16.39 -8.26 4.43
C ALA B 165 -15.83 -9.44 5.23
N ALA B 166 -16.34 -10.64 4.97
CA ALA B 166 -15.82 -11.85 5.59
C ALA B 166 -14.35 -12.06 5.27
N LEU B 167 -13.98 -11.89 4.01
CA LEU B 167 -12.60 -12.11 3.59
C LEU B 167 -11.63 -11.07 4.15
N MET B 168 -12.09 -9.83 4.30
CA MET B 168 -11.25 -8.80 4.89
C MET B 168 -10.97 -9.12 6.35
N ASN B 169 -11.95 -9.66 7.05
CA ASN B 169 -11.73 -10.05 8.44
C ASN B 169 -10.84 -11.30 8.53
N PHE B 170 -11.08 -12.27 7.66
CA PHE B 170 -10.23 -13.46 7.60
C PHE B 170 -8.76 -13.07 7.39
N THR B 171 -8.53 -12.12 6.49
CA THR B 171 -7.19 -11.60 6.21
C THR B 171 -6.49 -11.14 7.49
N LYS B 172 -7.20 -10.35 8.29
CA LYS B 172 -6.66 -9.83 9.55
C LYS B 172 -6.33 -10.97 10.52
N SER B 173 -7.26 -11.91 10.65
CA SER B 173 -7.10 -12.99 11.61
C SER B 173 -5.93 -13.90 11.26
N VAL B 174 -5.85 -14.30 10.00
CA VAL B 174 -4.77 -15.18 9.58
CA VAL B 174 -4.76 -15.15 9.52
C VAL B 174 -3.43 -14.42 9.66
N ALA B 175 -3.42 -13.15 9.27
CA ALA B 175 -2.20 -12.35 9.36
C ALA B 175 -1.63 -12.36 10.76
N ARG B 176 -2.49 -12.18 11.75
CA ARG B 176 -2.04 -12.13 13.13
C ARG B 176 -1.35 -13.43 13.55
N GLN B 177 -1.89 -14.57 13.10
CA GLN B 177 -1.35 -15.88 13.47
C GLN B 177 -0.06 -16.24 12.74
N THR B 178 0.10 -15.80 11.50
CA THR B 178 1.22 -16.23 10.67
C THR B 178 2.37 -15.25 10.64
N ALA B 179 2.16 -14.05 11.19
CA ALA B 179 3.18 -12.99 11.20
C ALA B 179 4.58 -13.40 11.69
N PRO B 180 4.67 -14.18 12.80
CA PRO B 180 6.03 -14.53 13.27
C PRO B 180 6.79 -15.52 12.37
N TYR B 181 6.09 -16.11 11.40
CA TYR B 181 6.71 -17.01 10.42
C TYR B 181 7.11 -16.28 9.15
N ASN B 182 7.01 -14.94 9.14
CA ASN B 182 7.23 -14.13 7.93
CA ASN B 182 7.25 -14.15 7.92
C ASN B 182 6.35 -14.58 6.77
N VAL B 183 5.11 -14.93 7.12
CA VAL B 183 4.10 -15.25 6.12
C VAL B 183 3.08 -14.13 6.23
N LEU B 184 3.07 -13.25 5.23
CA LEU B 184 2.32 -12.00 5.30
C LEU B 184 1.12 -12.09 4.39
N ILE B 185 0.00 -11.57 4.86
CA ILE B 185 -1.28 -11.71 4.18
CA ILE B 185 -1.24 -11.69 4.11
C ILE B 185 -1.99 -10.37 4.15
N ASN B 186 -2.34 -9.91 2.95
CA ASN B 186 -2.99 -8.61 2.77
C ASN B 186 -4.02 -8.76 1.69
N SER B 187 -4.90 -7.78 1.61
CA SER B 187 -5.89 -7.76 0.54
CA SER B 187 -5.91 -7.75 0.58
C SER B 187 -5.85 -6.44 -0.22
N VAL B 188 -6.24 -6.52 -1.48
CA VAL B 188 -6.35 -5.36 -2.33
C VAL B 188 -7.78 -5.33 -2.87
N ASN B 189 -8.41 -4.17 -2.71
CA ASN B 189 -9.79 -3.95 -3.14
CA ASN B 189 -9.78 -3.95 -3.17
C ASN B 189 -9.77 -3.06 -4.40
N PRO B 190 -9.95 -3.64 -5.59
CA PRO B 190 -9.96 -2.80 -6.78
C PRO B 190 -11.18 -1.90 -6.85
N GLY B 191 -10.98 -0.70 -7.39
CA GLY B 191 -12.11 0.09 -7.86
C GLY B 191 -12.50 -0.39 -9.24
N VAL B 192 -12.67 0.53 -10.17
CA VAL B 192 -13.04 0.19 -11.53
C VAL B 192 -11.77 0.06 -12.36
N ILE B 193 -11.53 -1.14 -12.85
CA ILE B 193 -10.33 -1.49 -13.60
C ILE B 193 -10.76 -2.02 -14.96
N ASP B 194 -10.05 -1.60 -16.00
CA ASP B 194 -10.40 -1.97 -17.37
C ASP B 194 -9.94 -3.40 -17.70
N THR B 195 -10.85 -4.34 -17.53
CA THR B 195 -10.62 -5.74 -17.83
C THR B 195 -11.66 -6.22 -18.84
N PRO B 196 -11.40 -7.36 -19.52
CA PRO B 196 -12.45 -7.92 -20.36
C PRO B 196 -13.77 -8.12 -19.60
N ARG B 197 -13.70 -8.55 -18.35
CA ARG B 197 -14.90 -8.75 -17.52
CA ARG B 197 -14.89 -8.75 -17.53
C ARG B 197 -15.65 -7.44 -17.30
N HIS B 198 -14.92 -6.37 -16.99
CA HIS B 198 -15.53 -5.03 -16.83
CA HIS B 198 -15.58 -5.08 -16.82
C HIS B 198 -16.25 -4.63 -18.11
N ARG B 199 -15.59 -4.83 -19.24
CA ARG B 199 -16.16 -4.45 -20.53
CA ARG B 199 -16.14 -4.45 -20.53
C ARG B 199 -17.42 -5.25 -20.84
N GLU B 200 -17.42 -6.53 -20.48
CA GLU B 200 -18.62 -7.36 -20.66
C GLU B 200 -19.76 -6.91 -19.73
N TYR B 201 -19.42 -6.56 -18.49
CA TYR B 201 -20.41 -6.01 -17.57
C TYR B 201 -21.05 -4.73 -18.11
N LEU B 202 -20.25 -3.84 -18.70
CA LEU B 202 -20.80 -2.63 -19.33
C LEU B 202 -21.85 -2.98 -20.37
N GLU B 203 -21.55 -4.00 -21.18
CA GLU B 203 -22.47 -4.44 -22.24
C GLU B 203 -23.77 -4.93 -21.63
N ILE B 204 -23.66 -5.78 -20.61
CA ILE B 204 -24.82 -6.43 -20.01
C ILE B 204 -25.69 -5.41 -19.27
N TYR B 205 -25.05 -4.54 -18.48
CA TYR B 205 -25.74 -3.51 -17.70
CA TYR B 205 -25.77 -3.53 -17.71
C TYR B 205 -26.46 -2.52 -18.63
N ALA B 206 -25.79 -2.13 -19.72
CA ALA B 206 -26.39 -1.23 -20.70
C ALA B 206 -27.65 -1.85 -21.32
N LYS B 207 -27.55 -3.13 -21.70
CA LYS B 207 -28.67 -3.86 -22.28
C LYS B 207 -29.84 -3.97 -21.30
N LYS B 208 -29.53 -4.27 -20.05
CA LYS B 208 -30.55 -4.40 -19.01
C LYS B 208 -31.20 -3.05 -18.69
N GLU B 209 -30.41 -1.98 -18.70
CA GLU B 209 -30.90 -0.63 -18.40
C GLU B 209 -31.53 0.06 -19.60
N GLY B 210 -31.32 -0.47 -20.80
CA GLY B 210 -31.83 0.15 -22.02
C GLY B 210 -31.09 1.42 -22.36
N THR B 211 -29.76 1.40 -22.17
CA THR B 211 -28.92 2.53 -22.53
C THR B 211 -27.67 2.01 -23.22
N THR B 212 -26.66 2.87 -23.41
CA THR B 212 -25.44 2.49 -24.10
C THR B 212 -24.31 2.23 -23.11
N PRO B 213 -23.35 1.35 -23.47
CA PRO B 213 -22.14 1.19 -22.67
C PRO B 213 -21.42 2.51 -22.42
N ASP B 214 -21.37 3.39 -23.44
CA ASP B 214 -20.75 4.72 -23.29
C ASP B 214 -21.39 5.53 -22.16
N LEU B 215 -22.72 5.50 -22.07
CA LEU B 215 -23.42 6.26 -21.03
C LEU B 215 -23.21 5.66 -19.65
N ILE B 216 -23.14 4.33 -19.56
CA ILE B 216 -22.80 3.68 -18.30
C ILE B 216 -21.38 4.06 -17.89
N ARG B 217 -20.45 4.02 -18.84
CA ARG B 217 -19.07 4.40 -18.55
C ARG B 217 -18.98 5.85 -18.06
N GLU B 218 -19.71 6.75 -18.71
CA GLU B 218 -19.73 8.16 -18.29
C GLU B 218 -20.23 8.33 -16.86
N ARG B 219 -21.28 7.59 -16.51
CA ARG B 219 -21.83 7.60 -15.15
C ARG B 219 -20.79 7.14 -14.13
N ILE B 220 -20.09 6.05 -14.46
CA ILE B 220 -19.05 5.51 -13.58
C ILE B 220 -17.93 6.52 -13.39
N LEU B 221 -17.50 7.14 -14.49
CA LEU B 221 -16.37 8.08 -14.44
C LEU B 221 -16.62 9.27 -13.52
N LYS B 222 -17.87 9.73 -13.45
CA LYS B 222 -18.16 10.88 -12.58
CA LYS B 222 -18.26 10.85 -12.58
C LYS B 222 -18.11 10.51 -11.09
N THR B 223 -18.15 9.21 -10.76
CA THR B 223 -18.00 8.76 -9.36
C THR B 223 -16.53 8.67 -8.92
N ILE B 224 -15.61 8.60 -9.88
CA ILE B 224 -14.20 8.37 -9.58
C ILE B 224 -13.47 9.71 -9.57
N PRO B 225 -12.87 10.11 -8.42
CA PRO B 225 -12.21 11.42 -8.40
C PRO B 225 -11.15 11.62 -9.48
N MET B 226 -10.39 10.58 -9.81
CA MET B 226 -9.38 10.71 -10.87
CA MET B 226 -9.38 10.69 -10.88
C MET B 226 -10.00 10.84 -12.27
N ASN B 227 -11.32 10.62 -12.39
CA ASN B 227 -12.05 10.77 -13.65
CA ASN B 227 -12.05 10.78 -13.66
C ASN B 227 -11.51 9.85 -14.75
N ARG B 228 -11.08 8.66 -14.35
CA ARG B 228 -10.62 7.67 -15.30
C ARG B 228 -10.66 6.31 -14.65
N ILE B 229 -10.79 5.29 -15.48
CA ILE B 229 -10.82 3.90 -15.06
CA ILE B 229 -10.80 3.93 -14.97
C ILE B 229 -9.37 3.38 -15.01
N GLY B 230 -9.04 2.57 -14.01
CA GLY B 230 -7.67 2.11 -13.84
C GLY B 230 -7.28 1.05 -14.85
N THR B 231 -5.98 0.86 -15.02
CA THR B 231 -5.48 -0.21 -15.89
C THR B 231 -5.08 -1.42 -15.06
N THR B 232 -5.02 -2.59 -15.69
CA THR B 232 -4.58 -3.78 -14.98
C THR B 232 -3.13 -3.65 -14.53
N GLU B 233 -2.31 -2.90 -15.27
CA GLU B 233 -0.93 -2.70 -14.86
CA GLU B 233 -0.92 -2.66 -14.87
C GLU B 233 -0.86 -1.91 -13.56
N GLU B 234 -1.67 -0.86 -13.44
CA GLU B 234 -1.72 -0.06 -12.22
C GLU B 234 -2.12 -0.90 -11.02
N PHE B 235 -3.05 -1.83 -11.24
CA PHE B 235 -3.50 -2.70 -10.19
CA PHE B 235 -3.55 -2.75 -10.22
C PHE B 235 -2.42 -3.72 -9.84
N ALA B 236 -1.83 -4.33 -10.86
CA ALA B 236 -0.80 -5.32 -10.65
C ALA B 236 0.42 -4.76 -9.90
N ASN B 237 0.76 -3.51 -10.14
CA ASN B 237 1.91 -2.91 -9.46
C ASN B 237 1.84 -3.06 -7.94
N LEU B 238 0.68 -2.77 -7.37
CA LEU B 238 0.54 -2.87 -5.92
C LEU B 238 0.60 -4.32 -5.45
N VAL B 239 -0.06 -5.22 -6.18
CA VAL B 239 -0.05 -6.62 -5.79
C VAL B 239 1.38 -7.15 -5.76
N VAL B 240 2.16 -6.81 -6.79
CA VAL B 240 3.53 -7.26 -6.88
C VAL B 240 4.39 -6.67 -5.76
N PHE B 241 4.16 -5.40 -5.44
CA PHE B 241 4.86 -4.80 -4.30
C PHE B 241 4.54 -5.56 -3.00
N LEU B 242 3.27 -5.86 -2.78
CA LEU B 242 2.89 -6.57 -1.55
C LEU B 242 3.45 -7.98 -1.50
N ALA B 243 3.66 -8.59 -2.67
CA ALA B 243 4.25 -9.93 -2.76
C ALA B 243 5.77 -9.95 -2.61
N SER B 244 6.38 -8.77 -2.44
CA SER B 244 7.83 -8.64 -2.51
C SER B 244 8.53 -8.68 -1.16
N GLU B 245 9.85 -8.79 -1.22
CA GLU B 245 10.67 -8.68 -0.03
C GLU B 245 10.52 -7.30 0.60
N CYS B 246 10.27 -6.28 -0.22
CA CYS B 246 10.17 -4.91 0.27
C CYS B 246 8.99 -4.66 1.19
N ALA B 247 7.94 -5.50 1.09
CA ALA B 247 6.75 -5.36 1.92
C ALA B 247 6.82 -6.19 3.20
N SER B 248 8.03 -6.43 3.69
CA SER B 248 8.27 -7.35 4.80
C SER B 248 7.72 -6.92 6.16
N TYR B 249 7.27 -5.67 6.31
CA TYR B 249 6.63 -5.26 7.57
C TYR B 249 5.14 -4.90 7.40
N ILE B 250 4.54 -5.31 6.29
CA ILE B 250 3.15 -5.00 5.99
C ILE B 250 2.34 -6.29 6.04
N THR B 251 1.39 -6.37 6.96
CA THR B 251 0.51 -7.54 7.03
C THR B 251 -0.81 -7.22 7.70
N GLY B 252 -1.84 -7.95 7.27
CA GLY B 252 -3.18 -7.84 7.82
C GLY B 252 -4.02 -6.67 7.34
N ILE B 253 -3.59 -6.01 6.28
CA ILE B 253 -4.27 -4.80 5.85
CA ILE B 253 -4.17 -4.75 5.78
CA ILE B 253 -4.28 -4.79 5.86
C ILE B 253 -4.98 -4.99 4.51
N THR B 254 -5.97 -4.15 4.27
CA THR B 254 -6.72 -4.12 3.03
C THR B 254 -6.49 -2.75 2.41
N ILE B 255 -6.03 -2.73 1.15
CA ILE B 255 -5.69 -1.49 0.46
C ILE B 255 -6.62 -1.28 -0.73
N PRO B 256 -7.41 -0.20 -0.71
CA PRO B 256 -8.20 0.14 -1.90
C PRO B 256 -7.29 0.69 -3.01
N LEU B 257 -7.49 0.19 -4.22
CA LEU B 257 -6.75 0.63 -5.38
CA LEU B 257 -6.75 0.66 -5.39
C LEU B 257 -7.80 1.09 -6.38
N ASP B 258 -8.14 2.37 -6.32
CA ASP B 258 -9.44 2.78 -6.82
C ASP B 258 -9.60 4.19 -7.34
N GLY B 259 -8.49 4.89 -7.59
CA GLY B 259 -8.58 6.22 -8.16
C GLY B 259 -9.29 7.22 -7.28
N GLY B 260 -9.37 6.93 -5.99
CA GLY B 260 -10.05 7.80 -5.04
C GLY B 260 -11.50 7.48 -4.74
N LEU B 261 -12.03 6.39 -5.29
CA LEU B 261 -13.42 6.04 -5.06
CA LEU B 261 -13.43 6.02 -5.05
C LEU B 261 -13.78 5.98 -3.56
N SER B 262 -12.87 5.45 -2.75
CA SER B 262 -13.12 5.33 -1.30
C SER B 262 -13.11 6.68 -0.55
N SER B 263 -12.77 7.77 -1.26
CA SER B 263 -12.82 9.11 -0.69
CA SER B 263 -12.81 9.12 -0.70
C SER B 263 -13.85 10.00 -1.42
N SER B 264 -14.64 9.39 -2.31
CA SER B 264 -15.58 10.14 -3.14
C SER B 264 -16.73 10.74 -2.33
#